data_6EKD
#
_entry.id   6EKD
#
_cell.length_a   81.510
_cell.length_b   124.820
_cell.length_c   68.890
_cell.angle_alpha   90.00
_cell.angle_beta   90.00
_cell.angle_gamma   90.00
#
_symmetry.space_group_name_H-M   'C 2 2 21'
#
loop_
_entity.id
_entity.type
_entity.pdbx_description
1 polymer 'Mitogen-activated protein kinase 10'
2 non-polymer BETA-MERCAPTOETHANOL
3 non-polymer 1,2-ETHANEDIOL
4 non-polymer 4-(4-methyl-2-methylsulfanyl-1~{H}-imidazol-5-yl)-~{N}-(4-morpholin-4-ylphenyl)pyridin-2-amine
5 water water
#
_entity_poly.entity_id   1
_entity_poly.type   'polypeptide(L)'
_entity_poly.pdbx_seq_one_letter_code
;GGSMSKSKVDNQFYSVEVGDSTFTVLKRYQNLKPIGSGAQGIVCAAYDAVLDRNVAIKKLSRPFQNQTHAKRAYRELVLM
KCVNHKNIISLLNVFTPQKTLEEFQDVYLVMELMDANLCQVIQMELDHERMSYLLYQMLCGIKHLHSAGIIHRDLKPSNI
VVKSDCTLKILDFGLARTAGTSFMMTPYVVTRYYRAPEVILGMGYKENVDIWSVGCIMGEMVRHKILFPGRDYIDQWNKV
IEQLGTPCPEFMKKLQPTVRNYVENRPKYAGLTFPKLFPDSLFPADSEHNKLKASQARDLLSKMLVIDPAKRISVDDALQ
HPYINVWYDPAEVEAPPPQIYDKQLDEREHTIEEWKELIYKEVMNSE
;
_entity_poly.pdbx_strand_id   A
#
loop_
_chem_comp.id
_chem_comp.type
_chem_comp.name
_chem_comp.formula
B9K non-polymer 4-(4-methyl-2-methylsulfanyl-1~{H}-imidazol-5-yl)-~{N}-(4-morpholin-4-ylphenyl)pyridin-2-amine 'C20 H23 N5 O S'
BME non-polymer BETA-MERCAPTOETHANOL 'C2 H6 O S'
EDO non-polymer 1,2-ETHANEDIOL 'C2 H6 O2'
#
# COMPACT_ATOMS: atom_id res chain seq x y z
N ASN A 11 -31.21 14.09 -18.58
CA ASN A 11 -30.11 14.41 -17.61
C ASN A 11 -28.90 13.53 -17.83
N GLN A 12 -27.76 14.04 -17.41
CA GLN A 12 -26.46 13.47 -17.76
C GLN A 12 -25.98 12.43 -16.72
N PHE A 13 -26.70 12.33 -15.59
CA PHE A 13 -26.36 11.52 -14.48
C PHE A 13 -27.45 10.50 -14.24
N TYR A 14 -27.09 9.36 -13.64
CA TYR A 14 -28.10 8.45 -13.08
C TYR A 14 -27.55 7.83 -11.81
N SER A 15 -28.45 7.28 -11.01
CA SER A 15 -28.14 6.71 -9.72
C SER A 15 -28.27 5.20 -9.71
N VAL A 16 -27.38 4.52 -9.00
CA VAL A 16 -27.45 3.07 -8.83
C VAL A 16 -27.00 2.71 -7.44
N GLU A 17 -27.66 1.70 -6.85
CA GLU A 17 -27.40 1.29 -5.49
C GLU A 17 -26.17 0.40 -5.50
N VAL A 18 -25.20 0.70 -4.64
CA VAL A 18 -23.92 -0.02 -4.60
C VAL A 18 -23.64 -0.31 -3.15
N GLY A 19 -23.55 -1.58 -2.79
CA GLY A 19 -23.47 -1.93 -1.37
C GLY A 19 -24.62 -1.23 -0.63
N ASP A 20 -24.30 -0.49 0.43
CA ASP A 20 -25.28 0.20 1.25
C ASP A 20 -25.55 1.60 0.79
N SER A 21 -24.92 2.01 -0.31
CA SER A 21 -24.91 3.36 -0.67
C SER A 21 -25.46 3.54 -2.09
N THR A 22 -25.45 4.80 -2.53
CA THR A 22 -25.98 5.19 -3.81
C THR A 22 -24.86 5.86 -4.58
N PHE A 23 -24.47 5.31 -5.72
CA PHE A 23 -23.55 6.01 -6.67
C PHE A 23 -24.39 6.76 -7.67
N THR A 24 -24.05 8.04 -7.91
CA THR A 24 -24.74 8.88 -8.89
C THR A 24 -23.63 9.25 -9.89
N VAL A 25 -23.72 8.70 -11.11
CA VAL A 25 -22.61 8.74 -12.08
C VAL A 25 -23.07 9.20 -13.44
N LEU A 26 -22.11 9.66 -14.25
CA LEU A 26 -22.41 9.97 -15.63
C LEU A 26 -22.90 8.73 -16.34
N LYS A 27 -23.83 8.94 -17.26
CA LYS A 27 -24.46 7.82 -17.97
C LYS A 27 -23.50 7.05 -18.90
N ARG A 28 -22.39 7.64 -19.30
CA ARG A 28 -21.32 6.84 -19.92
C ARG A 28 -20.89 5.60 -19.10
N TYR A 29 -20.97 5.67 -17.77
CA TYR A 29 -20.51 4.59 -16.89
C TYR A 29 -21.66 3.66 -16.60
N GLN A 30 -21.55 2.43 -17.10
CA GLN A 30 -22.67 1.47 -17.14
C GLN A 30 -22.31 0.20 -16.40
N ASN A 31 -23.34 -0.50 -15.96
CA ASN A 31 -23.26 -1.81 -15.29
C ASN A 31 -22.28 -1.84 -14.14
N LEU A 32 -22.44 -0.89 -13.22
CA LEU A 32 -21.55 -0.78 -12.04
C LEU A 32 -21.68 -2.02 -11.20
N LYS A 33 -20.58 -2.68 -10.87
CA LYS A 33 -20.58 -3.82 -9.95
C LYS A 33 -19.46 -3.60 -8.94
N PRO A 34 -19.72 -3.85 -7.65
CA PRO A 34 -18.67 -3.66 -6.65
C PRO A 34 -17.53 -4.64 -6.83
N ILE A 35 -16.31 -4.14 -6.66
CA ILE A 35 -15.07 -4.90 -6.80
C ILE A 35 -14.14 -4.77 -5.60
N GLY A 36 -14.63 -4.18 -4.51
CA GLY A 36 -13.81 -3.82 -3.33
C GLY A 36 -14.28 -2.57 -2.55
N SER A 37 -13.74 -2.45 -1.35
CA SER A 37 -13.93 -1.28 -0.50
C SER A 37 -12.68 -1.06 0.34
N GLY A 38 -12.44 0.18 0.72
CA GLY A 38 -11.42 0.56 1.71
C GLY A 38 -12.08 1.53 2.65
N ALA A 39 -11.33 2.15 3.56
CA ALA A 39 -11.93 3.15 4.51
C ALA A 39 -12.29 4.43 3.76
N GLN A 40 -11.32 4.90 2.97
CA GLN A 40 -11.41 6.07 2.08
C GLN A 40 -12.59 6.05 1.08
N GLY A 41 -13.24 4.91 0.87
CA GLY A 41 -14.37 4.86 -0.05
C GLY A 41 -14.41 3.58 -0.88
N ILE A 42 -15.56 3.41 -1.55
CA ILE A 42 -16.07 2.11 -2.08
C ILE A 42 -15.90 2.10 -3.58
N VAL A 43 -15.71 0.91 -4.17
CA VAL A 43 -15.22 0.86 -5.53
C VAL A 43 -16.01 -0.09 -6.41
N CYS A 44 -16.31 0.40 -7.60
CA CYS A 44 -17.06 -0.30 -8.60
C CYS A 44 -16.27 -0.47 -9.88
N ALA A 45 -16.39 -1.65 -10.51
CA ALA A 45 -16.00 -1.76 -11.93
C ALA A 45 -17.13 -1.23 -12.76
N ALA A 46 -16.83 -0.61 -13.91
CA ALA A 46 -17.89 -0.17 -14.82
C ALA A 46 -17.43 -0.17 -16.26
N TYR A 47 -18.38 -0.14 -17.20
CA TYR A 47 -18.06 0.02 -18.63
C TYR A 47 -18.22 1.48 -19.01
N ASP A 48 -17.12 2.08 -19.42
CA ASP A 48 -17.11 3.43 -19.93
C ASP A 48 -17.41 3.37 -21.45
N ALA A 49 -18.66 3.70 -21.82
CA ALA A 49 -19.13 3.59 -23.24
C ALA A 49 -18.55 4.63 -24.16
N VAL A 50 -18.11 5.75 -23.61
CA VAL A 50 -17.51 6.81 -24.41
C VAL A 50 -16.10 6.38 -24.87
N LEU A 51 -15.25 6.05 -23.92
CA LEU A 51 -13.91 5.51 -24.23
C LEU A 51 -13.95 4.07 -24.70
N ASP A 52 -15.06 3.37 -24.48
CA ASP A 52 -15.20 1.99 -24.85
C ASP A 52 -14.16 1.11 -24.17
N ARG A 53 -14.17 1.14 -22.84
CA ARG A 53 -13.32 0.25 -22.05
C ARG A 53 -13.84 0.22 -20.63
N ASN A 54 -13.32 -0.69 -19.82
CA ASN A 54 -13.74 -0.80 -18.45
C ASN A 54 -12.90 0.11 -17.61
N VAL A 55 -13.49 0.53 -16.49
CA VAL A 55 -12.89 1.47 -15.57
C VAL A 55 -13.24 1.03 -14.17
N ALA A 56 -12.48 1.57 -13.21
CA ALA A 56 -12.83 1.52 -11.78
C ALA A 56 -13.30 2.89 -11.28
N ILE A 57 -14.37 2.91 -10.46
CA ILE A 57 -14.96 4.16 -10.02
C ILE A 57 -15.03 4.14 -8.50
N LYS A 58 -14.35 5.10 -7.88
CA LYS A 58 -14.35 5.27 -6.41
C LYS A 58 -15.13 6.51 -6.00
N LYS A 59 -15.97 6.35 -5.01
CA LYS A 59 -16.73 7.45 -4.50
C LYS A 59 -16.11 7.90 -3.21
N LEU A 60 -15.79 9.18 -3.16
CA LEU A 60 -15.53 9.87 -1.89
C LEU A 60 -16.86 10.58 -1.42
N SER A 61 -17.45 10.02 -0.37
CA SER A 61 -18.68 10.62 0.27
C SER A 61 -18.43 11.77 1.23
N ARG A 62 -17.66 11.51 2.27
CA ARG A 62 -17.43 12.51 3.29
C ARG A 62 -15.99 12.95 3.19
N PRO A 63 -15.60 13.64 2.06
CA PRO A 63 -14.24 14.13 2.07
C PRO A 63 -14.19 15.35 3.01
N PHE A 64 -15.07 16.32 2.83
CA PHE A 64 -15.08 17.52 3.69
C PHE A 64 -15.93 17.38 4.98
N GLN A 65 -16.10 16.16 5.52
CA GLN A 65 -16.83 15.98 6.78
C GLN A 65 -16.05 16.50 7.99
N ASN A 66 -14.76 16.25 8.01
CA ASN A 66 -13.88 16.66 9.07
C ASN A 66 -12.50 16.79 8.48
N GLN A 67 -11.56 17.26 9.29
CA GLN A 67 -10.20 17.59 8.86
C GLN A 67 -9.47 16.41 8.31
N THR A 68 -9.56 15.28 9.02
CA THR A 68 -8.89 14.04 8.66
C THR A 68 -9.32 13.56 7.30
N HIS A 69 -10.63 13.50 7.09
CA HIS A 69 -11.19 13.06 5.81
C HIS A 69 -10.83 14.07 4.71
N ALA A 70 -10.95 15.36 4.99
CA ALA A 70 -10.73 16.38 3.97
C ALA A 70 -9.28 16.40 3.49
N LYS A 71 -8.34 16.33 4.44
CA LYS A 71 -6.92 16.36 4.12
C LYS A 71 -6.54 15.19 3.23
N ARG A 72 -6.96 13.98 3.59
CA ARG A 72 -6.66 12.82 2.79
C ARG A 72 -7.36 12.82 1.41
N ALA A 73 -8.62 13.27 1.37
CA ALA A 73 -9.32 13.39 0.07
C ALA A 73 -8.57 14.38 -0.83
N TYR A 74 -8.16 15.51 -0.26
CA TYR A 74 -7.49 16.54 -1.03
C TYR A 74 -6.13 16.04 -1.52
N ARG A 75 -5.39 15.43 -0.60
CA ARG A 75 -4.14 14.75 -0.92
C ARG A 75 -4.28 13.72 -2.05
N GLU A 76 -5.25 12.81 -1.93
CA GLU A 76 -5.43 11.73 -2.91
C GLU A 76 -5.73 12.33 -4.29
N LEU A 77 -6.58 13.35 -4.30
CA LEU A 77 -7.01 13.97 -5.53
C LEU A 77 -5.89 14.68 -6.26
N VAL A 78 -5.09 15.45 -5.52
CA VAL A 78 -4.02 16.25 -6.09
C VAL A 78 -2.86 15.32 -6.59
N LEU A 79 -2.49 14.36 -5.78
CA LEU A 79 -1.42 13.44 -6.15
C LEU A 79 -1.83 12.52 -7.30
N MET A 80 -3.07 12.01 -7.30
CA MET A 80 -3.53 11.21 -8.43
C MET A 80 -3.52 11.94 -9.75
N LYS A 81 -3.69 13.27 -9.71
CA LYS A 81 -3.59 14.08 -10.90
C LYS A 81 -2.14 14.40 -11.25
N CYS A 82 -1.28 14.66 -10.28
CA CYS A 82 0.10 15.12 -10.53
C CYS A 82 1.13 13.98 -10.73
N VAL A 83 0.74 12.74 -10.44
CA VAL A 83 1.67 11.62 -10.45
C VAL A 83 1.36 10.79 -11.69
N ASN A 84 2.41 10.47 -12.43
CA ASN A 84 2.31 9.64 -13.61
C ASN A 84 3.47 8.66 -13.59
N HIS A 85 3.15 7.41 -13.32
CA HIS A 85 4.13 6.34 -13.28
C HIS A 85 3.37 5.06 -13.49
N LYS A 86 3.95 4.18 -14.29
CA LYS A 86 3.43 2.85 -14.61
C LYS A 86 3.05 1.97 -13.42
N ASN A 87 3.65 2.22 -12.25
CA ASN A 87 3.34 1.38 -11.08
C ASN A 87 2.48 2.10 -10.05
N ILE A 88 1.91 3.22 -10.48
CA ILE A 88 0.89 3.93 -9.70
C ILE A 88 -0.35 4.03 -10.49
N ILE A 89 -1.49 3.69 -9.88
CA ILE A 89 -2.78 3.74 -10.57
C ILE A 89 -3.00 5.12 -11.22
N SER A 90 -3.43 5.14 -12.49
CA SER A 90 -3.75 6.44 -13.13
C SER A 90 -5.24 6.79 -13.09
N LEU A 91 -5.46 8.06 -12.76
CA LEU A 91 -6.75 8.68 -12.83
C LEU A 91 -7.11 8.88 -14.30
N LEU A 92 -8.35 8.62 -14.65
CA LEU A 92 -8.88 8.84 -15.98
C LEU A 92 -9.89 9.95 -15.97
N ASN A 93 -10.65 10.10 -14.90
CA ASN A 93 -11.64 11.19 -14.88
C ASN A 93 -11.95 11.47 -13.42
N VAL A 94 -12.46 12.67 -13.17
CA VAL A 94 -12.96 13.12 -11.88
C VAL A 94 -14.25 13.85 -12.11
N PHE A 95 -15.27 13.57 -11.31
CA PHE A 95 -16.50 14.34 -11.39
C PHE A 95 -17.30 14.40 -10.11
N THR A 96 -18.18 15.40 -10.03
CA THR A 96 -19.20 15.50 -8.99
C THR A 96 -20.52 15.71 -9.70
N PRO A 97 -21.61 15.06 -9.22
CA PRO A 97 -22.94 15.32 -9.80
C PRO A 97 -23.57 16.64 -9.32
N GLN A 98 -22.99 17.31 -8.33
CA GLN A 98 -23.53 18.54 -7.84
C GLN A 98 -23.03 19.68 -8.68
N LYS A 99 -23.84 20.72 -8.75
CA LYS A 99 -23.71 21.78 -9.77
C LYS A 99 -23.02 23.03 -9.27
N THR A 100 -23.01 23.23 -7.96
CA THR A 100 -22.36 24.41 -7.38
C THR A 100 -21.66 24.05 -6.11
N LEU A 101 -20.81 24.99 -5.68
CA LEU A 101 -20.10 24.85 -4.42
C LEU A 101 -21.05 24.57 -3.26
N GLU A 102 -22.20 25.22 -3.26
CA GLU A 102 -23.15 25.17 -2.16
C GLU A 102 -23.80 23.80 -2.06
N GLU A 103 -24.12 23.22 -3.20
CA GLU A 103 -24.69 21.90 -3.28
C GLU A 103 -23.62 20.77 -3.13
N PHE A 104 -22.35 21.11 -3.37
CA PHE A 104 -21.27 20.12 -3.51
C PHE A 104 -21.22 19.15 -2.33
N GLN A 105 -21.22 17.87 -2.65
CA GLN A 105 -21.21 16.81 -1.66
C GLN A 105 -20.21 15.69 -1.96
N ASP A 106 -20.28 15.11 -3.15
CA ASP A 106 -19.51 13.93 -3.49
C ASP A 106 -18.53 14.11 -4.64
N VAL A 107 -17.45 13.34 -4.54
CA VAL A 107 -16.47 13.27 -5.56
C VAL A 107 -16.36 11.84 -6.05
N TYR A 108 -16.19 11.66 -7.35
CA TYR A 108 -16.01 10.35 -7.96
C TYR A 108 -14.69 10.33 -8.75
N LEU A 109 -13.86 9.34 -8.45
CA LEU A 109 -12.58 9.15 -9.12
C LEU A 109 -12.75 7.94 -10.02
N VAL A 110 -12.36 8.12 -11.29
CA VAL A 110 -12.47 7.09 -12.32
C VAL A 110 -11.04 6.76 -12.70
N MET A 111 -10.65 5.50 -12.50
CA MET A 111 -9.30 5.04 -12.88
C MET A 111 -9.34 3.78 -13.73
N GLU A 112 -8.20 3.41 -14.31
CA GLU A 112 -8.06 2.15 -15.09
C GLU A 112 -8.42 0.97 -14.19
N LEU A 113 -9.07 -0.03 -14.79
CA LEU A 113 -9.49 -1.23 -14.07
C LEU A 113 -8.40 -2.29 -14.16
N MET A 114 -7.98 -2.79 -13.01
CA MET A 114 -7.06 -3.93 -12.92
C MET A 114 -7.91 -5.17 -12.72
N ASP A 115 -7.27 -6.32 -12.61
CA ASP A 115 -7.98 -7.60 -12.62
C ASP A 115 -8.02 -8.27 -11.27
N ALA A 116 -7.11 -7.92 -10.35
CA ALA A 116 -7.11 -8.52 -9.01
C ALA A 116 -6.33 -7.70 -8.00
N ASN A 117 -6.61 -7.98 -6.74
CA ASN A 117 -5.88 -7.40 -5.61
CA ASN A 117 -5.82 -7.36 -5.65
C ASN A 117 -4.64 -8.24 -5.36
N LEU A 118 -3.68 -7.71 -4.63
CA LEU A 118 -2.50 -8.45 -4.27
C LEU A 118 -2.76 -9.62 -3.30
N CYS A 119 -3.80 -9.51 -2.46
CA CYS A 119 -4.23 -10.61 -1.58
C CYS A 119 -4.44 -11.91 -2.41
N GLN A 120 -5.05 -11.81 -3.59
CA GLN A 120 -5.30 -13.01 -4.47
C GLN A 120 -4.02 -13.60 -5.06
N VAL A 121 -3.14 -12.70 -5.56
CA VAL A 121 -1.85 -13.16 -6.09
C VAL A 121 -1.00 -13.79 -4.99
N ILE A 122 -1.07 -13.25 -3.76
CA ILE A 122 -0.30 -13.80 -2.62
C ILE A 122 -0.68 -15.25 -2.33
N GLN A 123 -1.95 -15.58 -2.55
CA GLN A 123 -2.46 -16.92 -2.32
C GLN A 123 -1.99 -17.97 -3.37
N MET A 124 -1.46 -17.54 -4.53
CA MET A 124 -0.96 -18.48 -5.58
C MET A 124 0.41 -19.09 -5.19
N GLU A 125 0.75 -20.25 -5.77
CA GLU A 125 1.99 -20.96 -5.45
C GLU A 125 3.20 -20.11 -5.75
N LEU A 126 4.29 -20.36 -5.04
CA LEU A 126 5.47 -19.51 -5.14
C LEU A 126 6.17 -19.70 -6.49
N ASP A 127 6.29 -18.60 -7.23
CA ASP A 127 6.99 -18.56 -8.53
C ASP A 127 7.99 -17.38 -8.51
N HIS A 128 9.26 -17.71 -8.70
CA HIS A 128 10.34 -16.73 -8.53
C HIS A 128 10.28 -15.58 -9.50
N GLU A 129 10.02 -15.88 -10.76
N GLU A 129 10.01 -15.89 -10.76
CA GLU A 129 9.95 -14.86 -11.80
CA GLU A 129 9.88 -14.87 -11.78
C GLU A 129 8.76 -13.90 -11.56
C GLU A 129 8.77 -13.90 -11.47
N ARG A 130 7.61 -14.43 -11.10
CA ARG A 130 6.49 -13.58 -10.72
C ARG A 130 6.77 -12.76 -9.45
N MET A 131 7.34 -13.38 -8.41
CA MET A 131 7.56 -12.66 -7.13
C MET A 131 8.59 -11.57 -7.39
N SER A 132 9.68 -11.95 -8.03
CA SER A 132 10.73 -11.00 -8.41
C SER A 132 10.17 -9.81 -9.17
N TYR A 133 9.35 -10.09 -10.20
CA TYR A 133 8.72 -9.05 -11.02
C TYR A 133 7.76 -8.16 -10.21
N LEU A 134 6.94 -8.79 -9.38
CA LEU A 134 6.01 -8.02 -8.54
C LEU A 134 6.78 -7.11 -7.60
N LEU A 135 7.82 -7.64 -6.96
CA LEU A 135 8.60 -6.86 -6.02
C LEU A 135 9.41 -5.74 -6.71
N TYR A 136 9.95 -6.02 -7.90
CA TYR A 136 10.60 -4.97 -8.69
C TYR A 136 9.67 -3.81 -8.93
N GLN A 137 8.48 -4.12 -9.41
CA GLN A 137 7.52 -3.09 -9.73
C GLN A 137 7.10 -2.28 -8.50
N MET A 138 6.84 -2.97 -7.38
CA MET A 138 6.51 -2.30 -6.10
C MET A 138 7.64 -1.33 -5.73
N LEU A 139 8.86 -1.83 -5.77
CA LEU A 139 10.02 -1.00 -5.48
C LEU A 139 10.16 0.19 -6.42
N CYS A 140 9.88 -0.02 -7.71
CA CYS A 140 9.87 1.09 -8.73
C CYS A 140 8.84 2.16 -8.38
N GLY A 141 7.64 1.71 -8.04
CA GLY A 141 6.61 2.59 -7.58
C GLY A 141 7.03 3.37 -6.35
N ILE A 142 7.62 2.67 -5.39
CA ILE A 142 7.97 3.29 -4.12
C ILE A 142 9.07 4.32 -4.36
N LYS A 143 10.10 3.92 -5.09
CA LYS A 143 11.18 4.86 -5.48
C LYS A 143 10.64 6.16 -6.06
N HIS A 144 9.69 6.04 -6.98
CA HIS A 144 9.12 7.21 -7.64
C HIS A 144 8.33 8.12 -6.66
N LEU A 145 7.55 7.51 -5.78
CA LEU A 145 6.90 8.28 -4.74
C LEU A 145 7.90 9.03 -3.85
N HIS A 146 8.95 8.35 -3.45
CA HIS A 146 10.00 8.98 -2.61
C HIS A 146 10.69 10.12 -3.32
N SER A 147 10.95 9.96 -4.61
CA SER A 147 11.55 11.01 -5.43
C SER A 147 10.67 12.27 -5.52
N ALA A 148 9.37 12.09 -5.37
CA ALA A 148 8.45 13.18 -5.33
C ALA A 148 8.20 13.69 -3.90
N GLY A 149 8.90 13.20 -2.89
CA GLY A 149 8.67 13.58 -1.50
C GLY A 149 7.56 12.85 -0.73
N ILE A 150 7.07 11.73 -1.25
CA ILE A 150 5.97 10.97 -0.64
C ILE A 150 6.53 9.70 -0.07
N ILE A 151 6.52 9.57 1.26
CA ILE A 151 6.82 8.33 1.95
C ILE A 151 5.42 7.78 2.35
N HIS A 152 5.13 6.52 2.01
CA HIS A 152 3.78 5.98 1.99
C HIS A 152 3.40 5.58 3.38
N ARG A 153 4.16 4.65 3.97
CA ARG A 153 4.02 4.27 5.39
C ARG A 153 2.85 3.32 5.65
N ASP A 154 1.99 3.08 4.69
CA ASP A 154 0.80 2.26 4.87
C ASP A 154 0.65 1.24 3.79
N LEU A 155 1.75 0.76 3.22
CA LEU A 155 1.65 -0.16 2.06
C LEU A 155 1.22 -1.51 2.59
N LYS A 156 0.27 -2.11 1.90
CA LYS A 156 -0.24 -3.39 2.28
C LYS A 156 -0.87 -4.04 1.06
N PRO A 157 -1.14 -5.35 1.14
CA PRO A 157 -1.67 -6.04 -0.04
C PRO A 157 -2.98 -5.45 -0.56
N SER A 158 -3.83 -5.00 0.35
CA SER A 158 -5.14 -4.49 -0.02
C SER A 158 -5.10 -3.14 -0.74
N ASN A 159 -3.98 -2.42 -0.74
CA ASN A 159 -3.91 -1.21 -1.58
C ASN A 159 -2.96 -1.32 -2.76
N ILE A 160 -2.75 -2.55 -3.22
CA ILE A 160 -1.98 -2.84 -4.41
C ILE A 160 -2.89 -3.72 -5.31
N VAL A 161 -2.90 -3.44 -6.61
CA VAL A 161 -3.68 -4.19 -7.59
C VAL A 161 -2.77 -4.61 -8.73
N VAL A 162 -3.20 -5.65 -9.46
CA VAL A 162 -2.44 -6.22 -10.60
C VAL A 162 -3.36 -6.60 -11.76
N LYS A 163 -2.87 -6.40 -12.99
CA LYS A 163 -3.49 -6.96 -14.23
C LYS A 163 -3.09 -8.43 -14.34
N SER A 164 -3.80 -9.20 -15.17
CA SER A 164 -3.49 -10.64 -15.31
C SER A 164 -2.09 -10.92 -15.86
N ASP A 165 -1.52 -9.98 -16.61
CA ASP A 165 -0.13 -10.06 -17.06
C ASP A 165 0.94 -9.72 -15.99
N CYS A 166 0.53 -9.53 -14.73
CA CYS A 166 1.39 -9.23 -13.58
C CYS A 166 1.89 -7.78 -13.45
N THR A 167 1.38 -6.86 -14.29
CA THR A 167 1.61 -5.45 -14.10
C THR A 167 0.97 -5.03 -12.78
N LEU A 168 1.72 -4.23 -12.02
CA LEU A 168 1.36 -3.90 -10.66
C LEU A 168 1.19 -2.40 -10.48
N LYS A 169 0.21 -2.06 -9.66
CA LYS A 169 -0.16 -0.69 -9.41
C LYS A 169 -0.50 -0.47 -7.94
N ILE A 170 0.22 0.49 -7.35
CA ILE A 170 -0.11 1.00 -6.01
C ILE A 170 -1.30 1.93 -6.12
N LEU A 171 -2.29 1.74 -5.25
CA LEU A 171 -3.55 2.48 -5.36
C LEU A 171 -3.55 3.86 -4.73
N ASP A 172 -2.67 4.09 -3.76
CA ASP A 172 -2.77 5.31 -2.98
C ASP A 172 -1.40 5.77 -2.47
N PHE A 173 -1.43 6.95 -1.84
CA PHE A 173 -0.23 7.67 -1.44
C PHE A 173 0.01 7.63 0.07
N GLY A 174 -0.75 6.82 0.78
CA GLY A 174 -0.55 6.63 2.21
C GLY A 174 -0.95 7.82 3.10
N LEU A 175 -0.23 7.94 4.21
CA LEU A 175 -0.68 8.71 5.39
C LEU A 175 -0.33 10.19 5.34
N VAL A 190 -6.88 -0.02 14.83
CA VAL A 190 -6.16 -0.33 13.61
C VAL A 190 -5.77 -1.82 13.54
N THR A 191 -5.37 -2.23 12.34
CA THR A 191 -4.64 -3.49 12.13
C THR A 191 -3.31 -3.08 11.48
N ARG A 192 -2.24 -3.21 12.23
CA ARG A 192 -0.98 -2.64 11.86
C ARG A 192 0.02 -3.68 11.30
N TYR A 193 -0.49 -4.77 10.69
CA TYR A 193 0.34 -5.93 10.25
C TYR A 193 1.52 -5.64 9.38
N TYR A 194 1.43 -4.59 8.57
CA TYR A 194 2.47 -4.26 7.57
C TYR A 194 3.26 -3.02 7.93
N ARG A 195 2.97 -2.41 9.08
CA ARG A 195 3.65 -1.16 9.46
C ARG A 195 4.99 -1.38 10.16
N ALA A 196 5.96 -0.56 9.79
CA ALA A 196 7.33 -0.71 10.28
C ALA A 196 7.41 -0.50 11.78
N PRO A 197 8.38 -1.12 12.46
CA PRO A 197 8.57 -0.96 13.88
C PRO A 197 8.65 0.50 14.37
N GLU A 198 9.38 1.33 13.60
CA GLU A 198 9.57 2.75 13.95
C GLU A 198 8.22 3.51 13.96
N VAL A 199 7.30 3.10 13.07
CA VAL A 199 5.98 3.74 12.97
C VAL A 199 5.10 3.27 14.12
N ILE A 200 5.10 1.96 14.38
CA ILE A 200 4.31 1.40 15.51
C ILE A 200 4.74 2.01 16.84
N LEU A 201 6.06 2.14 17.03
CA LEU A 201 6.60 2.68 18.26
C LEU A 201 6.64 4.22 18.26
N GLY A 202 6.22 4.85 17.16
CA GLY A 202 6.11 6.31 17.04
C GLY A 202 7.44 7.02 17.12
N MET A 203 8.47 6.45 16.49
CA MET A 203 9.84 6.94 16.71
C MET A 203 10.47 7.72 15.53
N GLY A 204 9.63 8.30 14.66
CA GLY A 204 10.14 9.03 13.52
C GLY A 204 10.59 8.04 12.43
N TYR A 205 10.48 8.46 11.18
CA TYR A 205 10.78 7.57 10.06
C TYR A 205 11.49 8.29 8.90
N LYS A 206 12.06 7.48 8.02
CA LYS A 206 12.61 7.96 6.74
C LYS A 206 12.11 7.02 5.60
N GLU A 207 12.72 7.14 4.43
CA GLU A 207 12.23 6.50 3.25
C GLU A 207 12.15 5.00 3.43
N ASN A 208 13.13 4.40 4.10
CA ASN A 208 13.17 2.96 4.18
C ASN A 208 12.06 2.35 5.06
N VAL A 209 11.19 3.17 5.65
CA VAL A 209 9.94 2.68 6.28
C VAL A 209 9.11 1.82 5.30
N ASP A 210 9.09 2.21 4.03
CA ASP A 210 8.35 1.45 3.02
C ASP A 210 8.96 0.08 2.66
N ILE A 211 10.27 -0.07 2.91
CA ILE A 211 10.98 -1.33 2.68
C ILE A 211 10.47 -2.42 3.65
N TRP A 212 10.16 -2.04 4.88
CA TRP A 212 9.56 -3.00 5.83
C TRP A 212 8.30 -3.63 5.29
N SER A 213 7.39 -2.80 4.80
CA SER A 213 6.15 -3.21 4.22
C SER A 213 6.35 -4.16 3.03
N VAL A 214 7.37 -3.91 2.21
CA VAL A 214 7.70 -4.78 1.08
C VAL A 214 8.19 -6.11 1.61
N GLY A 215 9.06 -6.07 2.61
CA GLY A 215 9.49 -7.29 3.29
C GLY A 215 8.36 -8.14 3.86
N CYS A 216 7.34 -7.49 4.44
CA CYS A 216 6.16 -8.21 5.02
C CYS A 216 5.35 -8.92 3.92
N ILE A 217 5.25 -8.26 2.79
CA ILE A 217 4.51 -8.77 1.64
C ILE A 217 5.27 -9.93 1.00
N MET A 218 6.59 -9.78 0.91
CA MET A 218 7.43 -10.82 0.32
C MET A 218 7.43 -12.09 1.14
N GLY A 219 7.62 -11.95 2.44
CA GLY A 219 7.51 -13.07 3.34
C GLY A 219 6.15 -13.73 3.28
N GLU A 220 5.10 -12.95 3.08
CA GLU A 220 3.76 -13.51 3.03
C GLU A 220 3.51 -14.33 1.76
N MET A 221 4.09 -13.87 0.65
CA MET A 221 4.10 -14.65 -0.62
C MET A 221 4.77 -16.00 -0.46
N VAL A 222 5.75 -16.08 0.41
CA VAL A 222 6.47 -17.32 0.65
C VAL A 222 5.75 -18.22 1.63
N ARG A 223 5.30 -17.65 2.75
CA ARG A 223 4.69 -18.41 3.84
C ARG A 223 3.17 -18.68 3.66
N HIS A 224 2.47 -17.81 2.91
CA HIS A 224 0.98 -17.80 2.81
C HIS A 224 0.34 -17.60 4.20
N LYS A 225 0.96 -16.75 5.01
CA LYS A 225 0.42 -16.39 6.33
C LYS A 225 0.91 -14.99 6.53
N ILE A 226 0.10 -14.17 7.18
CA ILE A 226 0.51 -12.86 7.60
C ILE A 226 1.68 -13.09 8.55
N LEU A 227 2.85 -12.52 8.23
CA LEU A 227 4.05 -12.71 9.07
C LEU A 227 3.87 -12.27 10.52
N PHE A 228 3.19 -11.13 10.73
CA PHE A 228 3.12 -10.49 12.04
C PHE A 228 1.68 -10.10 12.37
N PRO A 229 0.79 -11.12 12.62
CA PRO A 229 -0.57 -10.83 13.09
C PRO A 229 -0.59 -10.24 14.51
N GLY A 230 -1.75 -9.86 15.01
CA GLY A 230 -1.82 -9.28 16.33
C GLY A 230 -3.20 -8.81 16.68
N ARG A 231 -3.62 -9.11 17.91
CA ARG A 231 -4.84 -8.55 18.44
C ARG A 231 -4.77 -7.01 18.51
N ASP A 232 -3.57 -6.45 18.71
CA ASP A 232 -3.40 -4.99 18.88
C ASP A 232 -1.91 -4.66 18.84
N TYR A 233 -1.56 -3.39 19.08
CA TYR A 233 -0.16 -2.88 19.03
C TYR A 233 0.80 -3.73 19.86
N ILE A 234 0.43 -4.00 21.11
CA ILE A 234 1.29 -4.78 22.03
C ILE A 234 1.68 -6.14 21.42
N ASP A 235 0.67 -6.95 21.09
CA ASP A 235 0.87 -8.28 20.49
C ASP A 235 1.54 -8.20 19.14
N GLN A 236 1.22 -7.16 18.38
CA GLN A 236 1.89 -6.90 17.10
C GLN A 236 3.39 -6.79 17.31
N TRP A 237 3.80 -5.96 18.28
CA TRP A 237 5.22 -5.79 18.62
C TRP A 237 5.83 -7.11 19.10
N ASN A 238 5.12 -7.79 20.01
CA ASN A 238 5.53 -9.12 20.49
C ASN A 238 5.85 -10.10 19.37
N LYS A 239 5.01 -10.12 18.34
CA LYS A 239 5.14 -11.08 17.25
C LYS A 239 6.32 -10.79 16.35
N VAL A 240 6.66 -9.51 16.23
CA VAL A 240 7.85 -9.12 15.46
C VAL A 240 9.13 -9.56 16.15
N ILE A 241 9.23 -9.27 17.46
CA ILE A 241 10.43 -9.64 18.21
C ILE A 241 10.54 -11.13 18.47
N GLU A 242 9.41 -11.80 18.71
CA GLU A 242 9.37 -13.26 18.70
C GLU A 242 10.14 -13.81 17.49
N GLN A 243 9.86 -13.28 16.31
CA GLN A 243 10.43 -13.83 15.07
C GLN A 243 11.81 -13.33 14.71
N LEU A 244 12.03 -12.04 14.90
CA LEU A 244 13.29 -11.41 14.48
C LEU A 244 14.28 -11.24 15.60
N GLY A 245 13.85 -11.46 16.85
CA GLY A 245 14.68 -11.22 18.01
C GLY A 245 14.56 -9.79 18.51
N THR A 246 14.60 -9.63 19.83
CA THR A 246 14.78 -8.32 20.44
C THR A 246 16.02 -7.61 19.82
N PRO A 247 15.85 -6.35 19.39
CA PRO A 247 16.97 -5.66 18.71
C PRO A 247 18.14 -5.25 19.66
N CYS A 248 19.22 -4.72 19.07
CA CYS A 248 20.32 -4.16 19.84
C CYS A 248 19.84 -2.99 20.74
N PRO A 249 20.21 -2.98 22.05
CA PRO A 249 19.85 -1.90 23.00
C PRO A 249 20.06 -0.43 22.57
N GLU A 250 20.87 -0.17 21.54
CA GLU A 250 21.06 1.18 21.00
C GLU A 250 19.76 1.71 20.37
N PHE A 251 19.00 0.82 19.76
CA PHE A 251 17.71 1.13 19.13
C PHE A 251 16.65 1.74 20.09
N MET A 252 16.63 1.24 21.31
CA MET A 252 15.66 1.62 22.32
C MET A 252 15.83 3.08 22.81
N LYS A 253 17.08 3.55 22.93
CA LYS A 253 17.36 4.95 23.35
C LYS A 253 16.58 6.03 22.56
N LYS A 254 16.20 5.73 21.32
CA LYS A 254 15.41 6.64 20.48
C LYS A 254 13.86 6.59 20.78
N LEU A 255 13.45 5.78 21.78
CA LEU A 255 12.03 5.59 22.10
C LEU A 255 11.56 6.60 23.17
N GLN A 256 10.43 7.28 22.89
CA GLN A 256 9.70 8.14 23.88
C GLN A 256 9.52 7.39 25.19
N PRO A 257 9.58 8.11 26.33
CA PRO A 257 10.04 7.53 27.62
C PRO A 257 9.36 6.24 28.14
N THR A 258 8.04 6.13 27.96
CA THR A 258 7.28 4.99 28.51
C THR A 258 7.27 3.82 27.50
N VAL A 259 7.11 4.13 26.23
CA VAL A 259 7.35 3.14 25.15
C VAL A 259 8.64 2.36 25.48
N ARG A 260 9.67 3.10 25.90
CA ARG A 260 10.96 2.52 26.23
C ARG A 260 10.95 1.55 27.40
N ASN A 261 10.22 1.85 28.48
CA ASN A 261 10.20 0.92 29.62
C ASN A 261 9.58 -0.43 29.21
N TYR A 262 8.44 -0.36 28.50
CA TYR A 262 7.78 -1.54 27.91
C TYR A 262 8.79 -2.39 27.14
N VAL A 263 9.33 -1.83 26.06
CA VAL A 263 10.25 -2.56 25.16
C VAL A 263 11.50 -3.04 25.92
N GLU A 264 12.16 -2.10 26.60
CA GLU A 264 13.46 -2.34 27.23
C GLU A 264 13.38 -3.33 28.37
N ASN A 265 12.36 -3.20 29.24
CA ASN A 265 12.16 -4.09 30.41
C ASN A 265 11.11 -5.21 30.15
N ARG A 266 11.08 -5.71 28.91
CA ARG A 266 10.36 -6.94 28.53
C ARG A 266 11.39 -8.12 28.59
N PRO A 267 10.99 -9.33 28.13
CA PRO A 267 11.98 -10.41 28.07
C PRO A 267 12.76 -10.37 26.78
N LYS A 268 14.08 -10.58 26.87
CA LYS A 268 14.94 -10.72 25.70
C LYS A 268 14.53 -11.94 24.87
N TYR A 269 14.14 -11.70 23.62
CA TYR A 269 13.85 -12.74 22.62
C TYR A 269 15.04 -12.90 21.62
N ALA A 270 15.60 -14.10 21.56
CA ALA A 270 16.43 -14.51 20.46
C ALA A 270 15.43 -15.00 19.44
N GLY A 271 15.41 -14.38 18.27
CA GLY A 271 14.45 -14.76 17.24
C GLY A 271 14.95 -15.97 16.49
N LEU A 272 14.64 -16.06 15.20
CA LEU A 272 14.98 -17.26 14.41
C LEU A 272 15.78 -16.81 13.22
N THR A 273 16.72 -17.63 12.76
CA THR A 273 17.44 -17.30 11.50
C THR A 273 16.49 -17.34 10.32
N PHE A 274 16.93 -16.74 9.23
CA PHE A 274 16.09 -16.64 8.04
C PHE A 274 15.83 -17.98 7.32
N PRO A 275 16.78 -18.93 7.38
CA PRO A 275 16.44 -20.27 6.90
C PRO A 275 15.39 -20.98 7.75
N LYS A 276 15.36 -20.72 9.05
CA LYS A 276 14.31 -21.28 9.93
C LYS A 276 12.98 -20.55 9.78
N LEU A 277 13.03 -19.24 9.57
CA LEU A 277 11.82 -18.45 9.33
C LEU A 277 11.13 -18.75 8.00
N PHE A 278 11.91 -19.23 7.02
CA PHE A 278 11.44 -19.49 5.67
C PHE A 278 12.14 -20.72 5.10
N PRO A 279 11.78 -21.94 5.60
CA PRO A 279 12.55 -23.14 5.22
C PRO A 279 12.57 -23.46 3.74
N ASP A 280 13.51 -24.34 3.36
CA ASP A 280 13.59 -24.89 2.00
C ASP A 280 12.26 -25.45 1.44
N SER A 281 11.43 -26.01 2.33
CA SER A 281 10.16 -26.61 1.96
C SER A 281 9.12 -25.64 1.42
N LEU A 282 9.30 -24.35 1.70
CA LEU A 282 8.43 -23.30 1.16
C LEU A 282 8.75 -22.92 -0.30
N PHE A 283 9.94 -23.27 -0.76
CA PHE A 283 10.50 -22.84 -2.05
C PHE A 283 10.62 -24.01 -3.01
N PRO A 284 10.55 -23.74 -4.33
CA PRO A 284 10.94 -24.75 -5.33
C PRO A 284 12.31 -25.36 -5.02
N ALA A 285 12.48 -26.64 -5.30
CA ALA A 285 13.58 -27.44 -4.75
C ALA A 285 14.30 -28.22 -5.81
N ASP A 286 15.36 -28.91 -5.37
CA ASP A 286 16.04 -29.98 -6.15
C ASP A 286 16.43 -29.56 -7.60
N SER A 287 16.83 -28.29 -7.76
CA SER A 287 17.70 -27.85 -8.85
C SER A 287 18.57 -26.71 -8.31
N GLU A 288 19.77 -26.57 -8.84
CA GLU A 288 20.63 -25.47 -8.45
C GLU A 288 20.00 -24.10 -8.76
N HIS A 289 19.27 -23.98 -9.87
CA HIS A 289 18.54 -22.75 -10.17
C HIS A 289 17.71 -22.28 -8.96
N ASN A 290 16.90 -23.22 -8.47
CA ASN A 290 15.94 -22.99 -7.41
C ASN A 290 16.63 -22.81 -6.09
N LYS A 291 17.75 -23.50 -5.93
CA LYS A 291 18.62 -23.30 -4.77
C LYS A 291 19.20 -21.88 -4.70
N LEU A 292 19.65 -21.37 -5.84
CA LEU A 292 20.14 -19.99 -5.92
C LEU A 292 19.02 -18.94 -5.61
N LYS A 293 17.86 -19.17 -6.19
CA LYS A 293 16.74 -18.25 -6.01
C LYS A 293 16.22 -18.25 -4.60
N ALA A 294 16.09 -19.44 -4.00
CA ALA A 294 15.75 -19.56 -2.58
C ALA A 294 16.68 -18.72 -1.68
N SER A 295 18.00 -18.85 -1.84
CA SER A 295 18.94 -18.07 -1.03
C SER A 295 18.98 -16.59 -1.38
N GLN A 296 18.79 -16.23 -2.65
CA GLN A 296 18.59 -14.81 -3.01
C GLN A 296 17.32 -14.23 -2.36
N ALA A 297 16.22 -14.95 -2.44
CA ALA A 297 14.99 -14.51 -1.77
C ALA A 297 15.17 -14.33 -0.26
N ARG A 298 15.74 -15.34 0.40
CA ARG A 298 16.00 -15.24 1.85
C ARG A 298 17.01 -14.15 2.20
N ASP A 299 18.01 -14.00 1.35
CA ASP A 299 18.97 -12.93 1.53
C ASP A 299 18.27 -11.57 1.51
N LEU A 300 17.41 -11.35 0.52
CA LEU A 300 16.67 -10.08 0.41
C LEU A 300 15.71 -9.87 1.58
N LEU A 301 14.95 -10.91 1.93
CA LEU A 301 14.15 -10.86 3.14
C LEU A 301 14.92 -10.41 4.37
N SER A 302 16.12 -11.00 4.58
CA SER A 302 16.96 -10.69 5.75
C SER A 302 17.46 -9.24 5.78
N LYS A 303 17.51 -8.58 4.62
CA LYS A 303 17.87 -7.17 4.52
C LYS A 303 16.69 -6.20 4.65
N MET A 304 15.48 -6.69 4.37
CA MET A 304 14.31 -5.86 4.47
C MET A 304 13.64 -5.98 5.83
N LEU A 305 13.56 -7.20 6.34
CA LEU A 305 12.88 -7.43 7.59
C LEU A 305 13.85 -7.23 8.74
N VAL A 306 14.18 -5.96 8.99
CA VAL A 306 15.22 -5.58 9.91
C VAL A 306 14.55 -4.54 10.80
N ILE A 307 14.51 -4.82 12.11
CA ILE A 307 13.75 -3.93 12.97
C ILE A 307 14.35 -2.51 12.98
N ASP A 308 15.63 -2.42 13.22
CA ASP A 308 16.26 -1.08 13.28
C ASP A 308 16.40 -0.45 11.87
N PRO A 309 15.68 0.63 11.58
CA PRO A 309 15.79 1.25 10.22
C PRO A 309 17.22 1.67 9.80
N ALA A 310 18.07 1.97 10.77
CA ALA A 310 19.46 2.32 10.50
C ALA A 310 20.24 1.12 9.91
N LYS A 311 19.72 -0.12 10.00
CA LYS A 311 20.38 -1.29 9.42
C LYS A 311 19.58 -1.91 8.26
N ARG A 312 18.44 -1.33 7.92
CA ARG A 312 17.55 -1.88 6.91
C ARG A 312 17.97 -1.31 5.55
N ILE A 313 17.92 -2.19 4.54
CA ILE A 313 18.28 -1.86 3.18
C ILE A 313 17.41 -0.73 2.61
N SER A 314 18.05 0.12 1.81
CA SER A 314 17.38 1.18 1.09
C SER A 314 16.67 0.66 -0.17
N VAL A 315 15.78 1.51 -0.68
CA VAL A 315 15.09 1.25 -1.94
C VAL A 315 16.09 1.02 -3.07
N ASP A 316 17.11 1.88 -3.17
CA ASP A 316 18.13 1.74 -4.25
C ASP A 316 18.94 0.46 -4.13
N ASP A 317 19.32 0.08 -2.91
CA ASP A 317 20.09 -1.15 -2.79
C ASP A 317 19.18 -2.34 -3.08
N ALA A 318 17.94 -2.28 -2.66
CA ALA A 318 17.02 -3.38 -2.97
C ALA A 318 16.82 -3.56 -4.48
N LEU A 319 16.72 -2.46 -5.21
CA LEU A 319 16.62 -2.56 -6.68
C LEU A 319 17.82 -3.22 -7.31
N GLN A 320 18.99 -3.00 -6.72
CA GLN A 320 20.23 -3.60 -7.17
C GLN A 320 20.45 -5.02 -6.66
N HIS A 321 19.63 -5.51 -5.71
CA HIS A 321 19.84 -6.84 -5.14
C HIS A 321 19.72 -7.88 -6.26
N PRO A 322 20.57 -8.93 -6.26
CA PRO A 322 20.50 -9.90 -7.38
C PRO A 322 19.14 -10.58 -7.60
N TYR A 323 18.32 -10.75 -6.56
CA TYR A 323 16.94 -11.27 -6.77
C TYR A 323 16.04 -10.34 -7.62
N ILE A 324 16.27 -9.05 -7.50
CA ILE A 324 15.47 -8.03 -8.13
C ILE A 324 16.08 -7.50 -9.43
N ASN A 325 17.41 -7.37 -9.49
CA ASN A 325 18.04 -6.56 -10.59
C ASN A 325 17.94 -7.16 -11.97
N VAL A 326 17.56 -8.44 -12.07
CA VAL A 326 17.26 -9.06 -13.38
C VAL A 326 16.21 -8.30 -14.21
N TRP A 327 15.43 -7.42 -13.56
CA TRP A 327 14.42 -6.61 -14.26
C TRP A 327 14.87 -5.22 -14.74
N TYR A 328 16.04 -4.71 -14.32
CA TYR A 328 16.56 -3.43 -14.86
C TYR A 328 16.94 -3.63 -16.34
N ASP A 329 16.87 -2.55 -17.14
CA ASP A 329 17.49 -2.53 -18.48
C ASP A 329 17.89 -1.11 -18.97
N ASP A 346 1.27 20.81 0.15
CA ASP A 346 1.72 21.13 1.50
C ASP A 346 0.95 20.31 2.55
N GLU A 347 1.41 20.40 3.81
CA GLU A 347 0.58 20.15 4.97
C GLU A 347 0.48 21.48 5.72
N ARG A 348 -0.62 22.19 5.46
CA ARG A 348 -1.13 23.24 6.35
C ARG A 348 -2.57 22.83 6.69
N GLU A 349 -3.13 23.42 7.74
CA GLU A 349 -4.45 23.01 8.23
C GLU A 349 -5.51 24.00 7.73
N HIS A 350 -6.73 23.52 7.44
CA HIS A 350 -7.82 24.41 6.99
C HIS A 350 -9.16 24.19 7.70
N THR A 351 -10.02 25.19 7.63
CA THR A 351 -11.39 25.07 8.09
C THR A 351 -12.12 24.10 7.12
N ILE A 352 -13.33 23.71 7.51
CA ILE A 352 -14.15 22.83 6.68
C ILE A 352 -14.58 23.51 5.40
N GLU A 353 -15.11 24.74 5.52
CA GLU A 353 -15.47 25.59 4.36
C GLU A 353 -14.33 25.60 3.35
N GLU A 354 -13.14 25.93 3.83
CA GLU A 354 -11.98 26.06 2.96
C GLU A 354 -11.55 24.78 2.28
N TRP A 355 -11.53 23.69 3.03
CA TRP A 355 -11.22 22.37 2.45
C TRP A 355 -12.22 22.00 1.34
N LYS A 356 -13.49 22.31 1.59
CA LYS A 356 -14.56 22.10 0.64
C LYS A 356 -14.28 22.91 -0.63
N GLU A 357 -13.92 24.16 -0.46
CA GLU A 357 -13.62 25.00 -1.59
C GLU A 357 -12.40 24.50 -2.36
N LEU A 358 -11.33 24.15 -1.65
CA LEU A 358 -10.13 23.62 -2.28
C LEU A 358 -10.42 22.33 -3.05
N ILE A 359 -11.20 21.43 -2.45
CA ILE A 359 -11.53 20.19 -3.11
C ILE A 359 -12.38 20.48 -4.36
N TYR A 360 -13.35 21.33 -4.20
CA TYR A 360 -14.29 21.62 -5.27
C TYR A 360 -13.57 22.11 -6.52
N LYS A 361 -12.69 23.06 -6.31
CA LYS A 361 -11.88 23.63 -7.38
C LYS A 361 -10.97 22.60 -8.03
N GLU A 362 -10.43 21.69 -7.24
CA GLU A 362 -9.61 20.62 -7.78
C GLU A 362 -10.43 19.69 -8.70
N VAL A 363 -11.69 19.47 -8.34
CA VAL A 363 -12.62 18.66 -9.13
C VAL A 363 -13.04 19.41 -10.41
N MET A 364 -13.46 20.65 -10.24
CA MET A 364 -13.92 21.47 -11.36
CA MET A 364 -13.93 21.47 -11.36
C MET A 364 -12.82 21.83 -12.34
N ASN A 365 -11.57 21.87 -11.86
CA ASN A 365 -10.39 22.16 -12.70
C ASN A 365 -10.04 20.94 -13.60
C1 BME B . -1.45 -13.01 -12.66
C2 BME B . -1.09 -11.79 -11.83
O1 BME B . -1.57 -14.13 -11.79
S2 BME B . 0.68 -11.82 -11.43
C1 EDO C . 10.61 13.97 -10.77
O1 EDO C . 10.41 13.39 -12.07
C2 EDO C . 9.40 13.69 -9.89
O2 EDO C . 8.18 14.07 -10.57
C17 B9K D . -9.34 -5.35 -8.13
C20 B9K D . -11.40 -6.87 -9.24
C21 B9K D . -10.96 -5.73 -9.89
C24 B9K D . -13.11 -10.29 -7.01
C26 B9K D . -11.90 -9.69 -5.14
C01 B9K D . -8.64 0.00 -8.58
C02 B9K D . -8.42 -0.38 -9.87
N03 B9K D . -8.73 -1.60 -10.27
C04 B9K D . -9.25 -2.50 -9.46
C05 B9K D . -9.53 -2.17 -8.14
C06 B9K D . -9.23 -0.88 -7.69
C07 B9K D . -9.47 -0.54 -6.36
N08 B9K D . -9.51 -1.44 -5.37
C09 B9K D . -9.74 -0.79 -4.25
N10 B9K D . -9.81 0.49 -4.46
C11 B9K D . -9.64 0.71 -5.75
C12 B9K D . -9.68 2.10 -6.37
S13 B9K D . -9.90 -1.58 -2.65
C14 B9K D . -9.56 -0.33 -1.39
N15 B9K D . -9.52 -3.80 -10.07
C16 B9K D . -9.94 -4.97 -9.32
C18 B9K D . -9.80 -6.48 -7.47
C19 B9K D . -10.84 -7.26 -8.02
N22 B9K D . -11.31 -8.46 -7.32
C23 B9K D . -12.57 -9.12 -7.82
O25 B9K D . -13.14 -9.97 -5.66
C27 B9K D . -11.22 -8.51 -5.83
#